data_3M89
#
_entry.id   3M89
#
_cell.length_a   131.200
_cell.length_b   131.200
_cell.length_c   75.860
_cell.angle_alpha   90.00
_cell.angle_beta   90.00
_cell.angle_gamma   120.00
#
_symmetry.space_group_name_H-M   'H 3'
#
loop_
_entity.id
_entity.type
_entity.pdbx_description
1 polymer 'FtsZ/tubulin-related protein'
2 non-polymer "5'-GUANOSINE-DIPHOSPHATE-MONOTHIOPHOSPHATE"
3 water water
#
_entity_poly.entity_id   1
_entity_poly.type   'polypeptide(L)'
_entity_poly.pdbx_seq_one_letter_code
;(MSE)GSSHHHHHHSSGLVPRGSH(MSE)LLNSNELEHIHSTNHSVNDISIRWGVIGAGQKGNKEADLFAGYKFSNGTTC
YPTLAVNFAESD(MSE)(MSE)HLQNIIKEDRIHFDGLKGAARTPSVVTDLFDPETNPNANGYLDKLAQELGRKFTNEEG
EVIVDQFLICLGAGGGVGTGWGSLVLQLIREQFFPCPVS(MSE)LISLPSGDPDEINNALVLLSEIDEF(MSE)REQDRL
FGNSDIKPLANVIVNDNTQ(MSE)QRIIESQKGTKDLKNRYVNWKEVANDNVVSTLHEINIIPENYGSDNVTYDPSDLIK
LLSIPGRFLTIGKARIAKFDLHSLENSIKRSLDEGFFSAEHQFETAT(MSE)YGGFVLRPSNADFFKDVNTENRIRNTLG
EYKRLDEIAGKFGDPIWDNEYAVCYTIFAG(MSE)T(MSE)PKRYISLAREGKELAEKQEQLRAEAQ
;
_entity_poly.pdbx_strand_id   A
#
# COMPACT_ATOMS: atom_id res chain seq x y z
N LEU A 22 -10.44 2.25 15.14
CA LEU A 22 -9.68 3.24 14.40
C LEU A 22 -10.47 3.85 13.25
N LEU A 23 -10.61 5.17 13.26
CA LEU A 23 -11.33 5.86 12.18
C LEU A 23 -10.35 6.88 11.58
N ASN A 24 -9.38 6.34 10.87
CA ASN A 24 -8.28 7.03 10.21
C ASN A 24 -8.58 8.03 9.09
N SER A 25 -9.85 8.20 8.75
CA SER A 25 -10.21 9.11 7.68
C SER A 25 -11.69 9.45 7.70
N ASN A 26 -12.02 10.54 7.04
CA ASN A 26 -13.40 10.97 6.95
C ASN A 26 -14.25 9.88 6.31
N GLU A 27 -13.68 9.17 5.35
CA GLU A 27 -14.41 8.11 4.67
C GLU A 27 -14.71 6.95 5.61
N LEU A 28 -13.75 6.55 6.44
CA LEU A 28 -13.98 5.46 7.38
C LEU A 28 -15.00 5.92 8.42
N GLU A 29 -15.03 7.21 8.70
CA GLU A 29 -15.99 7.74 9.67
C GLU A 29 -17.38 7.61 9.08
N HIS A 30 -17.57 8.11 7.86
CA HIS A 30 -18.86 8.06 7.20
C HIS A 30 -19.37 6.64 6.99
N ILE A 31 -18.47 5.70 6.71
CA ILE A 31 -18.86 4.32 6.49
C ILE A 31 -19.42 3.66 7.75
N HIS A 32 -18.63 3.64 8.82
CA HIS A 32 -19.09 3.02 10.05
C HIS A 32 -20.20 3.82 10.72
N SER A 33 -20.45 5.01 10.20
CA SER A 33 -21.48 5.88 10.75
C SER A 33 -22.82 5.61 10.08
N THR A 34 -22.79 5.23 8.81
CA THR A 34 -23.99 4.96 8.03
C THR A 34 -24.16 3.48 7.69
N ASN A 35 -23.18 2.66 8.08
CA ASN A 35 -23.24 1.23 7.80
C ASN A 35 -22.81 0.47 9.04
N HIS A 36 -23.74 -0.24 9.65
CA HIS A 36 -23.42 -0.99 10.86
C HIS A 36 -23.23 -2.47 10.62
N SER A 37 -23.09 -2.84 9.35
CA SER A 37 -22.87 -4.24 8.95
C SER A 37 -21.52 -4.45 8.27
N VAL A 38 -20.52 -3.66 8.65
CA VAL A 38 -19.20 -3.80 8.07
C VAL A 38 -18.47 -4.87 8.86
N ASN A 39 -18.69 -6.14 8.51
CA ASN A 39 -18.06 -7.24 9.25
C ASN A 39 -17.18 -8.19 8.43
N ASP A 40 -16.68 -7.72 7.29
CA ASP A 40 -15.80 -8.54 6.46
C ASP A 40 -15.10 -7.70 5.40
N ILE A 41 -13.95 -8.21 4.96
CA ILE A 41 -13.20 -7.52 3.93
C ILE A 41 -13.06 -8.41 2.70
N SER A 42 -12.58 -7.82 1.61
CA SER A 42 -12.39 -8.54 0.36
C SER A 42 -11.23 -9.53 0.42
N ILE A 43 -10.15 -9.14 1.07
CA ILE A 43 -8.99 -10.01 1.18
C ILE A 43 -8.40 -9.92 2.58
N ARG A 44 -8.21 -11.08 3.19
CA ARG A 44 -7.67 -11.20 4.55
C ARG A 44 -6.17 -10.98 4.57
N TRP A 45 -5.76 -9.74 4.81
CA TRP A 45 -4.34 -9.48 4.86
C TRP A 45 -3.74 -9.98 6.16
N GLY A 46 -2.51 -10.45 6.06
CA GLY A 46 -1.78 -10.91 7.22
C GLY A 46 -0.73 -9.82 7.19
N VAL A 47 -0.82 -8.90 8.13
CA VAL A 47 0.09 -7.76 8.17
C VAL A 47 1.33 -7.97 9.02
N ILE A 48 2.47 -7.63 8.44
CA ILE A 48 3.75 -7.75 9.09
C ILE A 48 4.57 -6.50 8.81
N GLY A 49 4.86 -5.75 9.88
CA GLY A 49 5.67 -4.54 9.76
C GLY A 49 7.12 -4.84 10.11
N ALA A 50 8.07 -4.14 9.49
CA ALA A 50 9.47 -4.34 9.78
C ALA A 50 10.19 -3.00 9.79
N GLY A 51 10.77 -2.65 10.94
CA GLY A 51 11.47 -1.38 11.04
C GLY A 51 10.47 -0.36 11.55
N GLN A 52 10.95 0.80 11.99
CA GLN A 52 10.09 1.84 12.53
C GLN A 52 8.90 2.20 11.64
N LYS A 53 9.19 2.63 10.44
CA LYS A 53 8.16 3.01 9.48
C LYS A 53 7.17 1.87 9.32
N GLY A 54 7.66 0.67 9.08
CA GLY A 54 6.78 -0.47 8.88
C GLY A 54 5.92 -0.75 10.11
N ASN A 55 6.56 -0.70 11.28
CA ASN A 55 5.83 -0.95 12.52
C ASN A 55 4.68 0.05 12.66
N LYS A 56 4.94 1.34 12.43
CA LYS A 56 3.91 2.37 12.55
C LYS A 56 2.73 2.05 11.65
N GLU A 57 3.03 1.58 10.45
CA GLU A 57 1.97 1.25 9.53
C GLU A 57 1.19 0.06 10.01
N ALA A 58 1.89 -0.98 10.37
CA ALA A 58 1.21 -2.18 10.84
C ALA A 58 0.40 -1.89 12.10
N ASP A 59 0.89 -0.98 12.94
CA ASP A 59 0.18 -0.65 14.16
C ASP A 59 -1.16 0.00 13.81
N LEU A 60 -1.24 0.71 12.68
CA LEU A 60 -2.51 1.32 12.29
C LEU A 60 -3.47 0.23 11.80
N PHE A 61 -2.95 -0.69 10.99
CA PHE A 61 -3.77 -1.77 10.46
C PHE A 61 -4.32 -2.62 11.61
N ALA A 62 -3.54 -2.72 12.69
CA ALA A 62 -3.96 -3.51 13.83
C ALA A 62 -5.10 -2.84 14.57
N GLY A 63 -5.28 -1.55 14.33
CA GLY A 63 -6.33 -0.81 15.01
C GLY A 63 -7.71 -0.91 14.39
N TYR A 64 -7.81 -1.50 13.21
CA TYR A 64 -9.10 -1.61 12.55
C TYR A 64 -9.99 -2.75 13.06
N LYS A 65 -11.26 -2.44 13.22
CA LYS A 65 -12.20 -3.44 13.68
C LYS A 65 -13.46 -3.39 12.82
N PHE A 66 -14.17 -4.51 12.81
CA PHE A 66 -15.43 -4.66 12.07
C PHE A 66 -16.55 -4.02 12.92
N SER A 67 -17.76 -3.98 12.38
CA SER A 67 -18.91 -3.42 13.11
C SER A 67 -19.12 -4.15 14.45
N ASN A 68 -18.87 -5.46 14.46
CA ASN A 68 -19.05 -6.29 15.66
C ASN A 68 -17.95 -6.17 16.72
N GLY A 69 -16.92 -5.38 16.47
CA GLY A 69 -15.85 -5.22 17.44
C GLY A 69 -14.61 -6.06 17.24
N THR A 70 -14.71 -7.14 16.48
CA THR A 70 -13.55 -7.98 16.24
C THR A 70 -12.50 -7.30 15.36
N THR A 71 -11.26 -7.79 15.48
CA THR A 71 -10.14 -7.24 14.72
C THR A 71 -10.14 -7.66 13.25
N CYS A 72 -9.82 -6.72 12.37
CA CYS A 72 -9.80 -6.96 10.93
C CYS A 72 -8.61 -7.77 10.45
N TYR A 73 -7.42 -7.32 10.83
CA TYR A 73 -6.21 -7.99 10.39
C TYR A 73 -5.27 -8.43 11.49
N PRO A 74 -4.87 -9.70 11.46
CA PRO A 74 -3.94 -10.16 12.48
C PRO A 74 -2.61 -9.55 12.03
N THR A 75 -1.89 -8.91 12.95
CA THR A 75 -0.64 -8.28 12.56
C THR A 75 0.48 -8.50 13.56
N LEU A 76 1.69 -8.47 13.03
CA LEU A 76 2.91 -8.65 13.79
C LEU A 76 3.82 -7.52 13.37
N ALA A 77 4.71 -7.11 14.27
CA ALA A 77 5.67 -6.08 13.96
C ALA A 77 7.03 -6.69 14.30
N VAL A 78 8.05 -6.34 13.51
CA VAL A 78 9.39 -6.87 13.69
C VAL A 78 10.44 -5.77 13.78
N ASN A 79 11.47 -6.02 14.57
CA ASN A 79 12.58 -5.08 14.75
C ASN A 79 13.64 -5.83 15.55
N PHE A 80 14.81 -5.24 15.75
CA PHE A 80 15.88 -5.94 16.48
C PHE A 80 15.72 -5.96 18.00
N ALA A 81 15.41 -4.81 18.60
CA ALA A 81 15.24 -4.72 20.05
C ALA A 81 13.82 -4.38 20.48
N GLU A 82 13.45 -4.82 21.69
CA GLU A 82 12.11 -4.56 22.23
C GLU A 82 11.87 -3.06 22.25
N SER A 83 12.91 -2.31 22.61
CA SER A 83 12.83 -0.84 22.70
C SER A 83 12.21 -0.16 21.48
N ASP A 84 12.63 -0.58 20.28
CA ASP A 84 12.12 -0.01 19.03
C ASP A 84 10.59 0.05 18.94
N HIS A 87 6.47 1.99 21.78
CA HIS A 87 5.31 2.88 21.67
C HIS A 87 4.15 2.43 20.80
N LEU A 88 4.15 1.16 20.39
CA LEU A 88 3.04 0.66 19.59
C LEU A 88 1.81 0.68 20.49
N GLN A 89 0.62 0.88 19.92
CA GLN A 89 -0.59 0.97 20.72
C GLN A 89 -1.65 -0.09 20.43
N ASN A 90 -1.61 -0.70 19.24
CA ASN A 90 -2.60 -1.72 18.89
C ASN A 90 -2.06 -3.13 18.79
N ILE A 91 -0.74 -3.25 18.67
CA ILE A 91 -0.07 -4.55 18.56
C ILE A 91 0.48 -4.92 19.94
N ILE A 92 -0.17 -5.88 20.59
CA ILE A 92 0.25 -6.30 21.92
C ILE A 92 1.68 -6.83 21.88
N LYS A 93 2.35 -6.80 23.03
CA LYS A 93 3.74 -7.24 23.17
C LYS A 93 4.05 -8.62 22.61
N GLU A 94 3.13 -9.58 22.81
CA GLU A 94 3.34 -10.93 22.33
C GLU A 94 3.61 -10.92 20.82
N ASP A 95 2.89 -10.07 20.10
CA ASP A 95 3.02 -9.96 18.65
C ASP A 95 4.15 -9.04 18.21
N ARG A 96 4.89 -8.49 19.17
CA ARG A 96 6.00 -7.61 18.85
C ARG A 96 7.27 -8.47 18.84
N ILE A 97 7.64 -8.94 17.65
CA ILE A 97 8.78 -9.81 17.47
C ILE A 97 10.13 -9.09 17.34
N HIS A 98 11.09 -9.47 18.18
CA HIS A 98 12.41 -8.88 18.15
C HIS A 98 13.48 -9.96 18.03
N PHE A 99 14.59 -9.61 17.39
CA PHE A 99 15.68 -10.55 17.16
C PHE A 99 17.00 -10.06 17.73
N VAL A 111 23.24 -6.87 6.67
CA VAL A 111 22.95 -6.85 8.10
C VAL A 111 21.85 -7.83 8.42
N VAL A 112 20.61 -7.41 8.16
CA VAL A 112 19.44 -8.24 8.41
C VAL A 112 19.57 -9.55 7.67
N THR A 113 20.12 -9.50 6.47
CA THR A 113 20.31 -10.70 5.65
C THR A 113 21.36 -11.65 6.21
N ASP A 114 22.37 -11.09 6.88
CA ASP A 114 23.42 -11.91 7.47
C ASP A 114 22.85 -12.88 8.51
N LEU A 115 22.15 -12.36 9.52
CA LEU A 115 21.56 -13.18 10.56
C LEU A 115 20.93 -14.47 10.04
N PHE A 116 19.96 -14.32 9.14
CA PHE A 116 19.28 -15.48 8.57
C PHE A 116 20.13 -16.25 7.57
N ASP A 117 21.24 -15.68 7.15
CA ASP A 117 22.11 -16.36 6.19
C ASP A 117 22.75 -17.57 6.86
N PRO A 118 22.35 -18.78 6.45
CA PRO A 118 22.91 -20.01 7.04
C PRO A 118 24.40 -20.20 6.76
N GLU A 119 25.23 -19.25 7.23
CA GLU A 119 26.66 -19.32 7.03
C GLU A 119 27.38 -18.12 7.65
N THR A 120 27.24 -16.96 7.04
CA THR A 120 27.89 -15.76 7.55
C THR A 120 27.23 -15.28 8.85
N ASN A 121 26.72 -16.24 9.62
CA ASN A 121 26.07 -15.95 10.90
C ASN A 121 25.58 -17.26 11.50
N PRO A 122 26.32 -17.78 12.50
CA PRO A 122 25.97 -19.03 13.16
C PRO A 122 24.55 -19.07 13.71
N ASN A 123 23.97 -20.26 13.73
CA ASN A 123 22.61 -20.46 14.23
C ASN A 123 21.62 -19.56 13.47
N ALA A 124 21.83 -19.46 12.16
CA ALA A 124 20.99 -18.66 11.29
C ALA A 124 19.59 -19.26 11.26
N ASN A 125 19.53 -20.59 11.30
CA ASN A 125 18.25 -21.28 11.29
C ASN A 125 17.48 -20.94 12.57
N GLY A 126 18.22 -20.57 13.62
CA GLY A 126 17.58 -20.23 14.88
C GLY A 126 16.61 -19.08 14.65
N TYR A 127 17.11 -18.02 14.03
CA TYR A 127 16.28 -16.87 13.73
C TYR A 127 15.17 -17.27 12.76
N LEU A 128 15.49 -18.18 11.85
CA LEU A 128 14.54 -18.67 10.86
C LEU A 128 13.40 -19.42 11.52
N ASP A 129 13.74 -20.41 12.34
CA ASP A 129 12.74 -21.21 13.04
C ASP A 129 11.84 -20.33 13.90
N LYS A 130 12.43 -19.31 14.51
CA LYS A 130 11.67 -18.41 15.37
C LYS A 130 10.69 -17.58 14.54
N LEU A 131 11.17 -17.08 13.39
CA LEU A 131 10.32 -16.30 12.52
C LEU A 131 9.17 -17.22 12.08
N ALA A 132 9.52 -18.43 11.67
CA ALA A 132 8.51 -19.39 11.22
C ALA A 132 7.50 -19.70 12.33
N GLN A 133 7.98 -19.86 13.56
CA GLN A 133 7.07 -20.16 14.66
C GLN A 133 6.17 -18.98 14.94
N GLU A 134 6.72 -17.78 15.02
CA GLU A 134 5.89 -16.62 15.29
C GLU A 134 4.87 -16.40 14.17
N LEU A 135 5.30 -16.57 12.92
CA LEU A 135 4.40 -16.42 11.79
C LEU A 135 3.37 -17.54 11.81
N GLY A 136 3.80 -18.74 12.15
CA GLY A 136 2.88 -19.86 12.20
C GLY A 136 1.85 -19.73 13.32
N ARG A 137 2.24 -19.14 14.44
CA ARG A 137 1.32 -19.00 15.56
C ARG A 137 0.34 -17.84 15.42
N LYS A 138 0.70 -16.82 14.65
CA LYS A 138 -0.18 -15.68 14.48
C LYS A 138 -1.09 -15.78 13.24
N PHE A 139 -0.65 -16.48 12.21
CA PHE A 139 -1.42 -16.58 10.99
C PHE A 139 -2.06 -17.93 10.73
N THR A 140 -2.12 -18.75 11.77
CA THR A 140 -2.71 -20.09 11.68
C THR A 140 -3.72 -20.29 12.82
N ASN A 141 -4.75 -21.10 12.58
CA ASN A 141 -5.74 -21.37 13.61
C ASN A 141 -5.22 -22.51 14.47
N GLU A 142 -6.11 -23.23 15.13
CA GLU A 142 -5.68 -24.34 15.98
C GLU A 142 -5.24 -25.58 15.22
N GLU A 143 -5.92 -25.87 14.11
CA GLU A 143 -5.60 -27.05 13.32
C GLU A 143 -4.55 -26.84 12.23
N GLY A 144 -3.77 -25.77 12.36
CA GLY A 144 -2.71 -25.51 11.39
C GLY A 144 -3.12 -24.89 10.06
N GLU A 145 -4.35 -24.37 9.97
CA GLU A 145 -4.80 -23.77 8.73
C GLU A 145 -4.55 -22.26 8.69
N VAL A 146 -3.96 -21.78 7.59
CA VAL A 146 -3.66 -20.35 7.43
C VAL A 146 -4.98 -19.57 7.43
N ILE A 147 -5.02 -18.46 8.16
CA ILE A 147 -6.24 -17.67 8.27
C ILE A 147 -6.23 -16.36 7.48
N VAL A 148 -5.23 -16.20 6.60
CA VAL A 148 -5.11 -15.01 5.76
C VAL A 148 -5.00 -15.42 4.29
N ASP A 149 -5.32 -14.51 3.39
CA ASP A 149 -5.26 -14.77 1.95
C ASP A 149 -3.93 -14.29 1.33
N GLN A 150 -3.31 -13.31 1.96
CA GLN A 150 -2.10 -12.71 1.44
C GLN A 150 -1.41 -11.93 2.54
N PHE A 151 -0.07 -11.92 2.50
CA PHE A 151 0.70 -11.20 3.50
C PHE A 151 1.02 -9.82 3.00
N LEU A 152 0.76 -8.82 3.84
CA LEU A 152 1.07 -7.45 3.50
C LEU A 152 2.25 -7.04 4.36
N ILE A 153 3.42 -6.96 3.75
CA ILE A 153 4.63 -6.59 4.48
C ILE A 153 4.98 -5.12 4.26
N CYS A 154 4.94 -4.35 5.34
CA CYS A 154 5.20 -2.91 5.29
C CYS A 154 6.61 -2.57 5.76
N LEU A 155 7.27 -1.69 5.02
CA LEU A 155 8.63 -1.28 5.36
C LEU A 155 9.05 0.01 4.69
N GLY A 156 9.99 0.69 5.32
CA GLY A 156 10.49 1.94 4.80
C GLY A 156 11.85 1.66 4.22
N ALA A 157 11.99 1.90 2.93
CA ALA A 157 13.24 1.67 2.24
C ALA A 157 14.25 2.77 2.61
N GLY A 158 15.53 2.44 2.61
CA GLY A 158 16.55 3.42 2.95
C GLY A 158 17.20 3.20 4.30
N GLY A 159 16.43 2.69 5.25
CA GLY A 159 16.96 2.42 6.57
C GLY A 159 17.72 1.11 6.58
N GLY A 160 18.12 0.66 7.76
CA GLY A 160 18.88 -0.59 7.86
C GLY A 160 17.99 -1.81 7.97
N VAL A 161 17.18 -1.88 9.02
CA VAL A 161 16.29 -3.02 9.21
C VAL A 161 15.21 -3.04 8.14
N GLY A 162 14.78 -1.86 7.70
CA GLY A 162 13.76 -1.76 6.69
C GLY A 162 14.13 -2.42 5.38
N THR A 163 15.09 -1.83 4.67
CA THR A 163 15.54 -2.38 3.39
C THR A 163 16.03 -3.80 3.59
N GLY A 164 16.72 -4.04 4.70
CA GLY A 164 17.23 -5.36 5.01
C GLY A 164 16.13 -6.38 5.03
N TRP A 165 15.00 -6.02 5.64
CA TRP A 165 13.88 -6.95 5.70
C TRP A 165 13.29 -7.12 4.32
N GLY A 166 13.17 -6.03 3.57
CA GLY A 166 12.64 -6.13 2.22
C GLY A 166 13.45 -7.13 1.41
N SER A 167 14.76 -7.02 1.46
CA SER A 167 15.63 -7.92 0.74
C SER A 167 15.47 -9.36 1.25
N LEU A 168 15.27 -9.50 2.55
CA LEU A 168 15.10 -10.81 3.17
C LEU A 168 13.83 -11.48 2.70
N VAL A 169 12.75 -10.70 2.60
CA VAL A 169 11.44 -11.19 2.17
C VAL A 169 11.57 -11.81 0.77
N LEU A 170 12.30 -11.14 -0.11
CA LEU A 170 12.50 -11.64 -1.46
C LEU A 170 13.14 -13.04 -1.40
N GLN A 171 14.21 -13.20 -0.63
CA GLN A 171 14.86 -14.51 -0.58
C GLN A 171 13.95 -15.58 0.03
N LEU A 172 13.08 -15.19 0.94
CA LEU A 172 12.16 -16.12 1.60
C LEU A 172 11.11 -16.58 0.59
N ILE A 173 10.65 -15.65 -0.25
CA ILE A 173 9.68 -16.02 -1.27
C ILE A 173 10.34 -17.00 -2.25
N ARG A 174 11.57 -16.72 -2.67
CA ARG A 174 12.28 -17.61 -3.59
C ARG A 174 12.43 -19.00 -2.96
N GLU A 175 12.45 -19.05 -1.63
CA GLU A 175 12.59 -20.31 -0.94
C GLU A 175 11.26 -20.93 -0.56
N GLN A 176 10.19 -20.35 -1.10
CA GLN A 176 8.83 -20.83 -0.83
C GLN A 176 8.52 -20.86 0.67
N PHE A 177 8.99 -19.85 1.38
CA PHE A 177 8.78 -19.75 2.82
C PHE A 177 7.33 -19.45 3.19
N PHE A 178 6.73 -18.48 2.52
CA PHE A 178 5.35 -18.08 2.78
C PHE A 178 4.36 -19.03 2.10
N PRO A 179 3.28 -19.40 2.81
CA PRO A 179 2.24 -20.31 2.30
C PRO A 179 1.24 -19.60 1.40
N CYS A 180 1.38 -18.30 1.28
CA CYS A 180 0.50 -17.49 0.45
C CYS A 180 1.32 -16.42 -0.25
N PRO A 181 0.72 -15.71 -1.19
CA PRO A 181 1.42 -14.65 -1.92
C PRO A 181 1.73 -13.49 -0.98
N VAL A 182 2.70 -12.68 -1.34
CA VAL A 182 3.07 -11.54 -0.52
C VAL A 182 2.98 -10.24 -1.29
N SER A 183 2.46 -9.22 -0.61
CA SER A 183 2.34 -7.87 -1.15
C SER A 183 3.26 -7.01 -0.30
N LEU A 185 4.51 -3.24 0.82
CA LEU A 185 4.17 -1.79 0.86
C LEU A 185 5.42 -1.08 1.33
N ILE A 186 6.03 -0.34 0.41
CA ILE A 186 7.33 0.31 0.64
C ILE A 186 7.42 1.82 0.44
N SER A 187 7.99 2.52 1.43
CA SER A 187 8.16 3.97 1.32
C SER A 187 9.58 4.22 0.82
N LEU A 188 9.74 5.25 0.00
CA LEU A 188 11.03 5.58 -0.55
C LEU A 188 11.56 6.80 0.23
N PRO A 189 12.87 6.81 0.52
CA PRO A 189 13.54 7.90 1.27
C PRO A 189 13.83 9.16 0.46
N SER A 190 14.65 10.03 1.05
CA SER A 190 15.05 11.28 0.40
C SER A 190 15.90 12.09 1.37
N GLY A 191 16.69 13.00 0.81
CA GLY A 191 17.55 13.84 1.62
C GLY A 191 18.81 13.17 2.13
N ASP A 192 18.90 11.85 1.97
CA ASP A 192 20.06 11.11 2.44
C ASP A 192 20.61 10.18 1.36
N PRO A 193 21.84 10.45 0.88
CA PRO A 193 22.48 9.64 -0.17
C PRO A 193 22.62 8.17 0.22
N ASP A 194 22.93 7.93 1.49
CA ASP A 194 23.08 6.56 1.99
C ASP A 194 21.74 5.80 1.97
N GLU A 195 20.64 6.50 2.29
CA GLU A 195 19.32 5.87 2.29
C GLU A 195 18.85 5.63 0.86
N ILE A 196 19.12 6.59 -0.01
CA ILE A 196 18.75 6.48 -1.40
C ILE A 196 19.41 5.24 -2.00
N ASN A 197 20.73 5.13 -1.83
CA ASN A 197 21.45 3.99 -2.37
C ASN A 197 20.88 2.67 -1.87
N ASN A 198 20.52 2.61 -0.59
CA ASN A 198 19.94 1.39 -0.03
C ASN A 198 18.59 1.07 -0.68
N ALA A 199 17.80 2.10 -0.92
CA ALA A 199 16.50 1.91 -1.53
C ALA A 199 16.66 1.47 -3.01
N LEU A 200 17.59 2.08 -3.75
CA LEU A 200 17.78 1.70 -5.16
C LEU A 200 18.26 0.25 -5.25
N VAL A 201 19.03 -0.21 -4.27
CA VAL A 201 19.50 -1.59 -4.30
C VAL A 201 18.29 -2.50 -4.17
N LEU A 202 17.43 -2.21 -3.19
CA LEU A 202 16.23 -3.02 -3.00
C LEU A 202 15.36 -3.02 -4.26
N LEU A 203 15.01 -1.83 -4.77
CA LEU A 203 14.15 -1.74 -5.96
C LEU A 203 14.69 -2.57 -7.13
N SER A 204 16.00 -2.56 -7.27
CA SER A 204 16.65 -3.31 -8.34
C SER A 204 16.48 -4.82 -8.10
N GLU A 205 16.50 -5.22 -6.84
CA GLU A 205 16.32 -6.61 -6.47
C GLU A 205 14.86 -7.01 -6.68
N ILE A 206 13.97 -6.08 -6.40
CA ILE A 206 12.56 -6.32 -6.56
C ILE A 206 12.26 -6.51 -8.06
N ASP A 207 12.75 -5.58 -8.87
CA ASP A 207 12.57 -5.60 -10.34
C ASP A 207 13.11 -6.93 -10.93
N GLU A 208 14.30 -7.35 -10.53
CA GLU A 208 14.83 -8.61 -11.04
C GLU A 208 13.91 -9.77 -10.65
N PHE A 209 13.47 -9.82 -9.38
CA PHE A 209 12.58 -10.90 -8.94
C PHE A 209 11.34 -10.90 -9.87
N ARG A 211 10.99 -9.78 -12.87
CA ARG A 211 11.29 -10.22 -14.24
C ARG A 211 11.24 -11.73 -14.34
N GLU A 212 11.87 -12.40 -13.39
CA GLU A 212 11.89 -13.86 -13.42
C GLU A 212 10.48 -14.41 -13.21
N GLN A 213 9.73 -13.85 -12.26
CA GLN A 213 8.36 -14.32 -11.98
C GLN A 213 7.41 -14.14 -13.18
N ASP A 214 7.54 -13.00 -13.88
CA ASP A 214 6.69 -12.68 -15.03
C ASP A 214 6.95 -13.66 -16.20
N ARG A 215 8.20 -14.12 -16.33
CA ARG A 215 8.52 -15.04 -17.39
C ARG A 215 8.00 -16.43 -17.07
N LEU A 216 8.16 -16.84 -15.81
CA LEU A 216 7.75 -18.18 -15.38
C LEU A 216 6.28 -18.43 -15.13
N PHE A 217 5.53 -17.42 -14.71
CA PHE A 217 4.11 -17.61 -14.42
C PHE A 217 3.21 -17.10 -15.55
N GLY A 218 2.05 -17.72 -15.75
CA GLY A 218 1.16 -17.26 -16.79
C GLY A 218 0.56 -15.92 -16.41
N ASN A 219 0.12 -15.14 -17.39
CA ASN A 219 -0.45 -13.83 -17.05
C ASN A 219 -1.70 -13.96 -16.18
N SER A 220 -2.24 -15.16 -16.08
CA SER A 220 -3.46 -15.37 -15.30
C SER A 220 -3.26 -16.15 -14.00
N ASP A 221 -2.03 -16.52 -13.65
CA ASP A 221 -1.79 -17.27 -12.42
C ASP A 221 -1.50 -16.35 -11.23
N ILE A 222 -1.80 -16.83 -10.03
CA ILE A 222 -1.51 -16.06 -8.81
C ILE A 222 0.02 -16.05 -8.64
N LYS A 223 0.60 -14.89 -8.37
CA LYS A 223 2.05 -14.81 -8.19
C LYS A 223 2.51 -14.80 -6.74
N PRO A 224 3.67 -15.43 -6.47
CA PRO A 224 4.20 -15.46 -5.10
C PRO A 224 4.43 -14.04 -4.60
N LEU A 225 4.81 -13.13 -5.50
CA LEU A 225 4.95 -11.73 -5.12
C LEU A 225 3.75 -11.08 -5.82
N ALA A 226 2.69 -10.91 -5.05
CA ALA A 226 1.43 -10.32 -5.54
C ALA A 226 1.62 -8.97 -6.17
N ASN A 227 2.29 -8.08 -5.43
CA ASN A 227 2.55 -6.74 -5.90
C ASN A 227 3.50 -5.98 -4.98
N VAL A 228 3.92 -4.81 -5.44
CA VAL A 228 4.74 -3.92 -4.62
C VAL A 228 4.08 -2.54 -4.78
N ILE A 229 3.71 -1.96 -3.65
CA ILE A 229 3.05 -0.66 -3.62
C ILE A 229 4.08 0.30 -3.02
N VAL A 230 4.53 1.25 -3.81
CA VAL A 230 5.53 2.18 -3.30
C VAL A 230 4.91 3.51 -2.91
N ASN A 231 5.50 4.14 -1.88
CA ASN A 231 5.08 5.44 -1.40
C ASN A 231 6.36 6.27 -1.43
N ASP A 232 6.28 7.51 -1.88
CA ASP A 232 7.48 8.33 -1.92
C ASP A 232 7.46 9.38 -0.83
N ASN A 233 8.44 9.36 0.07
CA ASN A 233 8.44 10.35 1.16
C ASN A 233 8.45 11.80 0.73
N THR A 234 9.23 12.12 -0.31
CA THR A 234 9.29 13.49 -0.81
C THR A 234 7.92 13.93 -1.31
N GLN A 235 7.24 13.03 -2.03
CA GLN A 235 5.92 13.32 -2.57
C GLN A 235 4.87 13.53 -1.47
N GLN A 237 5.37 14.31 1.60
CA GLN A 237 5.75 15.47 2.40
C GLN A 237 5.26 16.75 1.73
N ARG A 238 5.49 16.87 0.43
CA ARG A 238 5.06 18.06 -0.29
C ARG A 238 3.55 18.22 -0.20
N ILE A 239 2.83 17.11 -0.36
CA ILE A 239 1.37 17.13 -0.31
C ILE A 239 0.89 17.61 1.05
N ILE A 240 1.56 17.14 2.09
CA ILE A 240 1.17 17.51 3.44
C ILE A 240 1.56 18.92 3.83
N GLU A 241 2.78 19.32 3.46
CA GLU A 241 3.26 20.65 3.80
C GLU A 241 2.71 21.77 2.92
N SER A 242 2.07 21.40 1.81
CA SER A 242 1.50 22.42 0.94
C SER A 242 0.14 22.74 1.52
N GLN A 243 -0.58 21.70 1.94
CA GLN A 243 -1.90 21.87 2.52
C GLN A 243 -1.82 22.12 4.02
N LYS A 244 -2.98 22.42 4.61
CA LYS A 244 -3.05 22.67 6.04
C LYS A 244 -2.08 23.79 6.41
N GLY A 245 -2.59 25.02 6.40
CA GLY A 245 -1.77 26.17 6.71
C GLY A 245 -2.03 27.30 5.73
N THR A 246 -3.30 27.70 5.61
CA THR A 246 -3.70 28.77 4.70
C THR A 246 -3.40 30.16 5.27
N LYS A 247 -2.22 30.30 5.88
CA LYS A 247 -1.79 31.55 6.48
C LYS A 247 -0.27 31.63 6.63
N ASP A 248 0.27 30.96 7.65
CA ASP A 248 1.72 30.94 7.88
C ASP A 248 2.07 30.01 9.04
N LEU A 249 1.07 29.64 9.82
CA LEU A 249 1.27 28.75 10.96
C LEU A 249 1.05 27.29 10.55
N LYS A 250 2.13 26.61 10.18
CA LYS A 250 2.05 25.21 9.75
C LYS A 250 2.09 24.28 10.96
N ASN A 251 1.88 24.84 12.15
CA ASN A 251 1.89 24.08 13.40
C ASN A 251 3.33 23.69 13.78
N ARG A 252 4.14 23.47 12.73
CA ARG A 252 5.56 23.12 12.84
C ARG A 252 5.93 21.97 13.78
N TYR A 253 4.95 21.41 14.48
CA TYR A 253 5.22 20.32 15.41
C TYR A 253 4.64 19.00 14.95
N VAL A 254 3.66 19.05 14.05
CA VAL A 254 3.01 17.85 13.53
C VAL A 254 3.96 17.07 12.63
N ASN A 255 4.21 15.80 12.96
CA ASN A 255 5.08 14.97 12.15
C ASN A 255 4.31 14.54 10.90
N TRP A 256 4.72 15.08 9.75
CA TRP A 256 4.07 14.79 8.49
C TRP A 256 3.95 13.29 8.23
N LYS A 257 4.91 12.52 8.75
CA LYS A 257 4.90 11.08 8.56
C LYS A 257 3.69 10.40 9.17
N GLU A 258 3.21 10.92 10.30
CA GLU A 258 2.06 10.32 10.96
C GLU A 258 0.86 10.55 10.07
N VAL A 259 0.79 11.74 9.49
CA VAL A 259 -0.29 12.11 8.60
C VAL A 259 -0.21 11.24 7.35
N ALA A 260 1.01 11.03 6.84
CA ALA A 260 1.20 10.19 5.66
C ALA A 260 0.71 8.77 5.93
N ASN A 261 1.14 8.20 7.07
CA ASN A 261 0.73 6.86 7.45
C ASN A 261 -0.80 6.70 7.48
N ASP A 262 -1.51 7.67 8.07
CA ASP A 262 -2.97 7.58 8.13
C ASP A 262 -3.56 7.49 6.72
N ASN A 263 -3.16 8.43 5.86
CA ASN A 263 -3.64 8.47 4.48
C ASN A 263 -3.39 7.17 3.70
N VAL A 264 -2.18 6.65 3.80
CA VAL A 264 -1.79 5.42 3.08
C VAL A 264 -2.57 4.21 3.60
N VAL A 265 -2.55 4.00 4.90
CA VAL A 265 -3.24 2.86 5.46
C VAL A 265 -4.77 2.89 5.37
N SER A 266 -5.41 4.05 5.51
CA SER A 266 -6.85 4.06 5.43
C SER A 266 -7.28 3.81 4.00
N THR A 267 -6.49 4.29 3.05
CA THR A 267 -6.80 4.07 1.64
C THR A 267 -6.81 2.56 1.38
N LEU A 268 -5.77 1.87 1.86
CA LEU A 268 -5.65 0.42 1.65
C LEU A 268 -6.80 -0.32 2.32
N HIS A 269 -7.11 0.07 3.56
CA HIS A 269 -8.20 -0.55 4.29
C HIS A 269 -9.53 -0.30 3.58
N GLU A 270 -9.75 0.95 3.17
CA GLU A 270 -10.98 1.35 2.48
C GLU A 270 -11.23 0.56 1.18
N ILE A 271 -10.21 0.44 0.34
CA ILE A 271 -10.38 -0.29 -0.91
C ILE A 271 -10.67 -1.78 -0.62
N ASN A 272 -10.30 -2.23 0.57
CA ASN A 272 -10.51 -3.62 0.97
C ASN A 272 -11.95 -3.82 1.44
N ILE A 273 -12.45 -2.93 2.27
CA ILE A 273 -13.80 -3.11 2.76
C ILE A 273 -14.92 -2.71 1.77
N ILE A 274 -14.66 -1.75 0.90
CA ILE A 274 -15.71 -1.29 -0.02
C ILE A 274 -16.38 -2.33 -0.93
N PRO A 275 -15.59 -3.06 -1.72
CA PRO A 275 -16.14 -4.08 -2.62
C PRO A 275 -17.01 -5.13 -1.90
N GLU A 276 -16.60 -5.49 -0.69
CA GLU A 276 -17.29 -6.51 0.12
C GLU A 276 -18.52 -6.02 0.88
N ASN A 277 -18.62 -4.72 1.07
CA ASN A 277 -19.71 -4.15 1.82
C ASN A 277 -20.63 -3.21 1.04
N TYR A 278 -20.20 -2.81 -0.15
CA TYR A 278 -21.02 -1.92 -0.96
C TYR A 278 -21.28 -2.46 -2.34
N GLY A 279 -22.49 -2.22 -2.82
CA GLY A 279 -22.88 -2.68 -4.13
C GLY A 279 -23.47 -1.52 -4.90
N SER A 280 -23.81 -1.79 -6.15
CA SER A 280 -24.36 -0.80 -7.06
C SER A 280 -25.55 -1.37 -7.83
N ASP A 281 -26.37 -0.46 -8.38
CA ASP A 281 -27.54 -0.84 -9.16
C ASP A 281 -27.15 -0.80 -10.63
N ASN A 282 -25.89 -0.46 -10.86
CA ASN A 282 -25.35 -0.37 -12.22
C ASN A 282 -24.18 -1.34 -12.33
N VAL A 283 -22.97 -0.83 -12.29
CA VAL A 283 -21.77 -1.65 -12.37
C VAL A 283 -21.21 -1.90 -10.97
N THR A 284 -21.39 -3.11 -10.46
CA THR A 284 -20.90 -3.47 -9.13
C THR A 284 -19.50 -4.08 -9.19
N TYR A 285 -18.61 -3.59 -8.34
CA TYR A 285 -17.24 -4.07 -8.28
C TYR A 285 -17.25 -5.08 -7.15
N ASP A 286 -16.78 -6.31 -7.41
CA ASP A 286 -16.79 -7.35 -6.40
C ASP A 286 -15.43 -7.64 -5.78
N PRO A 287 -15.45 -8.33 -4.62
CA PRO A 287 -14.18 -8.67 -3.96
C PRO A 287 -13.34 -9.54 -4.88
N SER A 288 -13.99 -10.34 -5.72
CA SER A 288 -13.26 -11.22 -6.63
C SER A 288 -12.46 -10.38 -7.62
N ASP A 289 -13.03 -9.26 -8.07
CA ASP A 289 -12.30 -8.38 -8.97
C ASP A 289 -11.10 -7.78 -8.26
N LEU A 290 -11.27 -7.38 -7.00
CA LEU A 290 -10.18 -6.78 -6.26
C LEU A 290 -9.08 -7.82 -6.08
N ILE A 291 -9.49 -9.01 -5.65
CA ILE A 291 -8.52 -10.09 -5.45
C ILE A 291 -7.66 -10.32 -6.69
N LYS A 292 -8.27 -10.37 -7.86
CA LYS A 292 -7.53 -10.63 -9.10
C LYS A 292 -6.53 -9.50 -9.34
N LEU A 293 -7.01 -8.26 -9.24
CA LEU A 293 -6.20 -7.07 -9.43
C LEU A 293 -4.96 -7.05 -8.52
N LEU A 294 -5.14 -7.47 -7.28
CA LEU A 294 -4.06 -7.47 -6.32
C LEU A 294 -3.16 -8.71 -6.37
N SER A 295 -3.58 -9.79 -7.00
CA SER A 295 -2.70 -10.98 -6.95
C SER A 295 -2.14 -11.49 -8.27
N ILE A 296 -2.83 -11.18 -9.37
CA ILE A 296 -2.43 -11.64 -10.69
C ILE A 296 -1.34 -10.82 -11.41
N PRO A 297 -1.46 -9.48 -11.42
CA PRO A 297 -0.44 -8.68 -12.11
C PRO A 297 1.00 -8.95 -11.68
N GLY A 298 1.23 -9.04 -10.37
CA GLY A 298 2.56 -9.34 -9.86
C GLY A 298 3.67 -8.32 -10.01
N ARG A 299 3.32 -7.04 -10.18
CA ARG A 299 4.36 -6.02 -10.35
C ARG A 299 3.99 -4.77 -9.54
N PHE A 300 4.48 -3.60 -9.95
CA PHE A 300 4.18 -2.36 -9.22
C PHE A 300 2.70 -1.95 -9.37
N LEU A 301 2.10 -1.58 -8.26
CA LEU A 301 0.71 -1.18 -8.20
C LEU A 301 0.59 0.16 -7.51
N THR A 302 -0.33 1.00 -7.99
CA THR A 302 -0.55 2.29 -7.37
C THR A 302 -2.05 2.53 -7.21
N ILE A 303 -2.37 3.51 -6.38
CA ILE A 303 -3.76 3.87 -6.07
C ILE A 303 -3.94 5.37 -6.06
N GLY A 304 -5.09 5.81 -6.55
CA GLY A 304 -5.42 7.21 -6.53
C GLY A 304 -6.79 7.37 -5.90
N LYS A 305 -6.83 8.05 -4.76
CA LYS A 305 -8.10 8.30 -4.04
C LYS A 305 -8.43 9.77 -4.20
N ALA A 306 -9.54 10.05 -4.89
CA ALA A 306 -9.98 11.42 -5.15
C ALA A 306 -11.37 11.65 -4.57
N ARG A 307 -11.48 12.56 -3.61
CA ARG A 307 -12.80 12.86 -3.05
C ARG A 307 -13.41 13.88 -4.00
N ILE A 308 -14.68 13.68 -4.36
CA ILE A 308 -15.37 14.57 -5.27
C ILE A 308 -16.64 15.15 -4.66
N ALA A 309 -16.53 16.36 -4.14
CA ALA A 309 -17.66 17.04 -3.53
C ALA A 309 -18.29 17.96 -4.56
N LYS A 310 -17.45 18.48 -5.45
CA LYS A 310 -17.91 19.36 -6.52
C LYS A 310 -18.30 18.50 -7.71
N PHE A 311 -19.59 18.39 -7.93
CA PHE A 311 -20.15 17.57 -9.00
C PHE A 311 -20.22 18.26 -10.35
N ASP A 312 -19.06 18.45 -10.97
CA ASP A 312 -18.96 19.05 -12.28
C ASP A 312 -17.79 18.36 -12.95
N LEU A 313 -17.84 18.25 -14.27
CA LEU A 313 -16.81 17.58 -15.04
C LEU A 313 -15.36 18.03 -14.81
N HIS A 314 -15.09 19.33 -14.82
CA HIS A 314 -13.70 19.75 -14.61
C HIS A 314 -13.18 19.38 -13.24
N SER A 315 -14.01 19.50 -12.21
CA SER A 315 -13.55 19.17 -10.87
C SER A 315 -13.30 17.67 -10.71
N LEU A 316 -14.13 16.87 -11.36
CA LEU A 316 -14.02 15.43 -11.33
C LEU A 316 -12.69 15.02 -11.98
N GLU A 317 -12.45 15.46 -13.22
CA GLU A 317 -11.22 15.13 -13.93
C GLU A 317 -10.00 15.57 -13.14
N ASN A 318 -10.03 16.81 -12.67
CA ASN A 318 -8.93 17.38 -11.93
C ASN A 318 -8.64 16.62 -10.63
N SER A 319 -9.67 16.17 -9.92
CA SER A 319 -9.46 15.44 -8.68
C SER A 319 -8.83 14.06 -8.96
N ILE A 320 -9.31 13.36 -10.00
CA ILE A 320 -8.74 12.05 -10.35
C ILE A 320 -7.27 12.23 -10.76
N LYS A 321 -7.00 13.17 -11.66
CA LYS A 321 -5.61 13.39 -12.08
C LYS A 321 -4.70 13.77 -10.91
N ARG A 322 -5.17 14.59 -9.97
CA ARG A 322 -4.31 14.94 -8.86
C ARG A 322 -3.98 13.71 -8.02
N SER A 323 -4.99 12.88 -7.76
CA SER A 323 -4.81 11.69 -6.95
C SER A 323 -3.79 10.74 -7.58
N LEU A 324 -3.74 10.69 -8.90
CA LEU A 324 -2.80 9.81 -9.57
C LEU A 324 -1.38 10.38 -9.73
N ASP A 325 -1.28 11.62 -10.21
CA ASP A 325 0.03 12.23 -10.44
C ASP A 325 0.63 12.99 -9.27
N GLU A 326 -0.20 13.37 -8.31
CA GLU A 326 0.26 14.12 -7.14
C GLU A 326 -0.46 13.67 -5.87
N GLY A 327 -0.56 12.36 -5.69
CA GLY A 327 -1.21 11.82 -4.51
C GLY A 327 -0.25 11.02 -3.65
N PHE A 328 -0.75 10.48 -2.54
CA PHE A 328 0.07 9.71 -1.62
C PHE A 328 0.78 8.49 -2.21
N PHE A 329 0.23 7.89 -3.26
CA PHE A 329 0.90 6.73 -3.87
C PHE A 329 1.56 7.07 -5.21
N SER A 330 1.83 8.36 -5.46
CA SER A 330 2.46 8.78 -6.70
C SER A 330 3.97 8.64 -6.59
N ALA A 331 4.57 8.16 -7.68
CA ALA A 331 6.01 7.94 -7.77
C ALA A 331 6.45 7.92 -9.25
N GLU A 332 5.89 8.83 -10.05
CA GLU A 332 6.19 8.88 -11.48
C GLU A 332 6.06 7.45 -12.02
N HIS A 333 4.90 6.84 -11.79
CA HIS A 333 4.64 5.49 -12.25
C HIS A 333 4.59 5.37 -13.78
N GLN A 334 4.99 4.22 -14.29
CA GLN A 334 4.96 3.97 -15.72
C GLN A 334 3.56 3.40 -16.00
N PHE A 335 2.57 4.28 -15.98
CA PHE A 335 1.18 3.87 -16.21
C PHE A 335 1.02 3.13 -17.54
N GLU A 336 1.81 3.53 -18.51
CA GLU A 336 1.77 2.94 -19.84
C GLU A 336 2.09 1.46 -19.82
N THR A 337 2.77 0.99 -18.77
CA THR A 337 3.09 -0.44 -18.71
C THR A 337 2.10 -1.24 -17.89
N ALA A 338 1.07 -0.60 -17.34
CA ALA A 338 0.11 -1.37 -16.52
C ALA A 338 -0.54 -2.49 -17.34
N THR A 339 -0.92 -3.58 -16.68
CA THR A 339 -1.54 -4.71 -17.36
C THR A 339 -2.95 -4.95 -16.83
N TYR A 341 -6.24 -2.84 -14.28
CA TYR A 341 -6.70 -1.64 -13.60
C TYR A 341 -7.99 -2.02 -12.88
N GLY A 342 -8.41 -1.17 -11.95
CA GLY A 342 -9.63 -1.45 -11.23
C GLY A 342 -9.98 -0.20 -10.50
N GLY A 343 -11.08 -0.22 -9.76
CA GLY A 343 -11.47 0.96 -9.03
C GLY A 343 -12.97 1.13 -8.96
N PHE A 344 -13.40 2.20 -8.31
CA PHE A 344 -14.81 2.44 -8.17
C PHE A 344 -15.11 3.82 -7.60
N VAL A 345 -16.21 4.40 -8.05
CA VAL A 345 -16.61 5.69 -7.51
C VAL A 345 -17.72 5.38 -6.52
N LEU A 346 -17.43 5.58 -5.24
CA LEU A 346 -18.42 5.35 -4.21
C LEU A 346 -19.25 6.63 -4.27
N ARG A 347 -20.45 6.53 -4.82
CA ARG A 347 -21.30 7.70 -4.99
C ARG A 347 -22.63 7.67 -4.23
N PRO A 348 -23.17 8.86 -3.92
CA PRO A 348 -24.43 8.94 -3.19
C PRO A 348 -25.61 8.41 -3.98
N SER A 349 -26.56 7.78 -3.29
CA SER A 349 -27.75 7.27 -3.96
C SER A 349 -28.52 8.48 -4.43
N ASN A 350 -29.14 8.38 -5.61
CA ASN A 350 -29.94 9.47 -6.17
C ASN A 350 -29.14 10.75 -6.39
N ALA A 351 -28.08 10.62 -7.18
CA ALA A 351 -27.21 11.75 -7.51
C ALA A 351 -27.09 11.74 -9.01
N ASP A 352 -27.90 12.56 -9.66
CA ASP A 352 -27.91 12.62 -11.11
C ASP A 352 -26.54 12.69 -11.76
N PHE A 353 -25.62 13.45 -11.16
CA PHE A 353 -24.29 13.60 -11.74
C PHE A 353 -23.64 12.25 -12.04
N PHE A 354 -23.69 11.34 -11.07
CA PHE A 354 -23.09 10.00 -11.20
C PHE A 354 -24.06 8.96 -11.78
N LYS A 355 -24.91 9.45 -12.69
CA LYS A 355 -25.88 8.63 -13.39
C LYS A 355 -26.04 9.24 -14.78
N ASP A 356 -25.05 10.04 -15.14
CA ASP A 356 -25.00 10.73 -16.43
C ASP A 356 -23.88 10.16 -17.29
N VAL A 357 -24.18 9.87 -18.55
CA VAL A 357 -23.19 9.31 -19.45
C VAL A 357 -21.94 10.19 -19.63
N ASN A 358 -22.12 11.50 -19.56
CA ASN A 358 -21.00 12.43 -19.72
C ASN A 358 -20.02 12.27 -18.56
N THR A 359 -20.54 11.92 -17.39
CA THR A 359 -19.70 11.71 -16.23
C THR A 359 -18.92 10.40 -16.43
N GLU A 360 -19.64 9.33 -16.71
CA GLU A 360 -18.99 8.04 -16.96
C GLU A 360 -17.90 8.20 -18.02
N ASN A 361 -18.23 8.87 -19.12
CA ASN A 361 -17.27 9.07 -20.20
C ASN A 361 -16.07 9.90 -19.80
N ARG A 362 -16.25 10.83 -18.87
CA ARG A 362 -15.15 11.67 -18.43
C ARG A 362 -14.19 10.83 -17.59
N ILE A 363 -14.74 10.02 -16.69
CA ILE A 363 -13.93 9.15 -15.83
C ILE A 363 -13.12 8.21 -16.74
N ARG A 364 -13.83 7.52 -17.63
CA ARG A 364 -13.19 6.59 -18.57
C ARG A 364 -12.09 7.29 -19.34
N ASN A 365 -12.46 8.40 -19.98
CA ASN A 365 -11.53 9.17 -20.79
C ASN A 365 -10.35 9.68 -20.00
N THR A 366 -10.57 9.98 -18.71
CA THR A 366 -9.51 10.47 -17.85
C THR A 366 -8.52 9.33 -17.53
N LEU A 367 -9.03 8.15 -17.18
CA LEU A 367 -8.13 7.05 -16.87
C LEU A 367 -7.38 6.65 -18.12
N GLY A 368 -8.06 6.76 -19.25
CA GLY A 368 -7.46 6.41 -20.52
C GLY A 368 -6.24 7.22 -20.87
N GLU A 369 -6.05 8.38 -20.24
CA GLU A 369 -4.88 9.20 -20.51
C GLU A 369 -3.65 8.58 -19.85
N TYR A 370 -3.90 7.73 -18.86
CA TYR A 370 -2.82 7.06 -18.15
C TYR A 370 -2.52 5.73 -18.84
N LYS A 371 -3.56 4.96 -19.15
CA LYS A 371 -3.40 3.68 -19.84
C LYS A 371 -4.70 3.32 -20.56
N ARG A 372 -4.62 3.10 -21.87
CA ARG A 372 -5.80 2.72 -22.67
C ARG A 372 -6.45 1.50 -22.02
N LEU A 373 -7.64 1.68 -21.46
CA LEU A 373 -8.36 0.63 -20.77
C LEU A 373 -8.82 -0.49 -21.69
N ASP A 374 -9.13 -0.12 -22.92
CA ASP A 374 -9.61 -1.07 -23.92
C ASP A 374 -8.58 -2.15 -24.20
N GLU A 375 -7.32 -1.90 -23.82
CA GLU A 375 -6.26 -2.86 -24.05
C GLU A 375 -5.86 -3.78 -22.89
N ILE A 376 -6.46 -3.60 -21.72
CA ILE A 376 -6.10 -4.42 -20.57
C ILE A 376 -7.30 -4.85 -19.74
N ALA A 377 -7.17 -5.97 -19.04
CA ALA A 377 -8.31 -6.44 -18.24
C ALA A 377 -8.54 -5.48 -17.08
N GLY A 378 -9.73 -5.62 -16.50
CA GLY A 378 -10.13 -4.80 -15.36
C GLY A 378 -11.49 -4.17 -15.54
N LYS A 379 -12.04 -3.61 -14.45
CA LYS A 379 -13.34 -2.95 -14.52
C LYS A 379 -13.44 -1.82 -13.48
N PHE A 380 -14.39 -0.92 -13.70
CA PHE A 380 -14.58 0.21 -12.80
C PHE A 380 -16.05 0.27 -12.39
N GLY A 381 -16.31 0.07 -11.10
CA GLY A 381 -17.68 0.07 -10.61
C GLY A 381 -18.14 1.39 -10.01
N ASP A 382 -19.41 1.45 -9.65
CA ASP A 382 -19.96 2.66 -9.03
C ASP A 382 -20.86 2.32 -7.83
N PRO A 383 -20.25 1.78 -6.76
CA PRO A 383 -21.01 1.41 -5.56
C PRO A 383 -21.66 2.64 -4.94
N ILE A 384 -22.80 2.42 -4.28
CA ILE A 384 -23.55 3.50 -3.64
C ILE A 384 -23.43 3.41 -2.14
N TRP A 385 -23.30 4.55 -1.48
CA TRP A 385 -23.23 4.58 -0.02
C TRP A 385 -24.18 5.67 0.45
N ASP A 386 -24.48 5.68 1.75
CA ASP A 386 -25.40 6.63 2.35
C ASP A 386 -24.71 7.94 2.76
N ASN A 387 -24.33 8.75 1.78
CA ASN A 387 -23.68 10.03 2.07
C ASN A 387 -23.82 10.98 0.89
N GLU A 388 -23.42 12.24 1.08
CA GLU A 388 -23.60 13.24 0.04
C GLU A 388 -22.45 13.59 -0.88
N TYR A 389 -21.30 12.95 -0.68
CA TYR A 389 -20.17 13.20 -1.55
C TYR A 389 -19.66 11.87 -2.08
N ALA A 390 -18.88 11.90 -3.15
CA ALA A 390 -18.34 10.69 -3.77
C ALA A 390 -16.83 10.61 -3.59
N VAL A 391 -16.29 9.42 -3.74
CA VAL A 391 -14.84 9.19 -3.64
C VAL A 391 -14.51 8.24 -4.78
N CYS A 392 -13.55 8.63 -5.61
CA CYS A 392 -13.12 7.83 -6.73
C CYS A 392 -11.79 7.17 -6.37
N TYR A 393 -11.79 5.84 -6.37
CA TYR A 393 -10.59 5.03 -6.07
C TYR A 393 -10.17 4.38 -7.39
N THR A 394 -9.02 4.78 -7.91
CA THR A 394 -8.52 4.25 -9.18
C THR A 394 -7.25 3.43 -8.92
N ILE A 395 -7.19 2.23 -9.49
CA ILE A 395 -6.04 1.33 -9.28
C ILE A 395 -5.41 0.87 -10.60
N PHE A 396 -4.08 0.98 -10.72
CA PHE A 396 -3.35 0.51 -11.89
C PHE A 396 -2.36 -0.49 -11.33
N ALA A 397 -2.28 -1.66 -11.98
CA ALA A 397 -1.40 -2.73 -11.53
C ALA A 397 -0.53 -3.32 -12.62
N GLY A 398 0.45 -4.12 -12.20
CA GLY A 398 1.38 -4.80 -13.08
C GLY A 398 2.36 -3.89 -13.81
N THR A 400 5.89 -1.66 -14.45
CA THR A 400 7.33 -1.84 -14.30
C THR A 400 7.88 -0.73 -13.37
N PRO A 402 8.86 2.16 -11.03
CA PRO A 402 8.36 3.54 -10.93
C PRO A 402 9.53 4.45 -11.33
N LYS A 403 9.26 5.50 -12.09
CA LYS A 403 10.37 6.34 -12.53
C LYS A 403 11.05 7.11 -11.38
N ARG A 404 10.47 7.03 -10.19
CA ARG A 404 11.06 7.67 -9.03
C ARG A 404 12.44 7.05 -8.83
N TYR A 405 12.62 5.84 -9.34
CA TYR A 405 13.91 5.20 -9.22
C TYR A 405 14.96 6.12 -9.87
N ILE A 406 14.61 6.65 -11.04
CA ILE A 406 15.50 7.54 -11.79
C ILE A 406 15.70 8.87 -11.08
N SER A 407 14.62 9.58 -10.72
CA SER A 407 14.80 10.88 -10.04
C SER A 407 15.57 10.74 -8.72
N LEU A 408 15.40 9.61 -8.03
CA LEU A 408 16.10 9.34 -6.77
C LEU A 408 17.59 9.11 -7.00
N ALA A 409 17.91 8.38 -8.07
CA ALA A 409 19.30 8.11 -8.41
C ALA A 409 19.96 9.44 -8.73
N ARG A 410 19.20 10.34 -9.36
CA ARG A 410 19.75 11.65 -9.71
C ARG A 410 19.94 12.54 -8.47
N GLU A 411 18.92 12.61 -7.62
CA GLU A 411 18.98 13.41 -6.41
C GLU A 411 20.08 12.87 -5.50
N GLY A 412 20.15 11.55 -5.42
CA GLY A 412 21.18 10.92 -4.61
C GLY A 412 22.56 11.34 -5.08
N LYS A 413 22.76 11.43 -6.39
CA LYS A 413 24.06 11.82 -6.89
C LYS A 413 24.37 13.27 -6.53
N GLU A 414 23.37 14.14 -6.65
CA GLU A 414 23.53 15.55 -6.32
C GLU A 414 23.86 15.82 -4.86
N LEU A 415 23.12 15.16 -3.97
CA LEU A 415 23.34 15.33 -2.54
C LEU A 415 24.76 14.92 -2.20
N ALA A 416 25.16 13.76 -2.73
CA ALA A 416 26.48 13.22 -2.49
C ALA A 416 27.56 14.14 -3.06
N GLU A 417 27.18 14.94 -4.05
CA GLU A 417 28.11 15.86 -4.69
C GLU A 417 28.27 17.12 -3.86
N LYS A 418 27.16 17.76 -3.49
CA LYS A 418 27.24 18.96 -2.67
C LYS A 418 27.88 18.60 -1.32
N GLN A 419 27.77 17.33 -0.97
CA GLN A 419 28.32 16.81 0.28
C GLN A 419 29.83 16.84 0.16
N GLU A 420 30.38 16.17 -0.85
CA GLU A 420 31.82 16.15 -1.08
C GLU A 420 32.32 17.58 -1.30
N GLN A 421 31.52 18.36 -2.01
CA GLN A 421 31.85 19.75 -2.29
C GLN A 421 31.62 20.56 -1.00
N LEU A 422 31.99 21.83 -1.01
CA LEU A 422 31.82 22.70 0.16
C LEU A 422 32.74 22.25 1.30
N ARG A 423 32.84 20.93 1.51
CA ARG A 423 33.67 20.36 2.57
C ARG A 423 35.03 21.05 2.74
N ALA A 424 35.39 21.33 3.99
CA ALA A 424 36.66 21.96 4.29
C ALA A 424 37.44 21.10 5.27
#